data_7EL8
#
_entry.id   7EL8
#
_cell.length_a   61.683
_cell.length_b   61.683
_cell.length_c   334.105
_cell.angle_alpha   90.000
_cell.angle_beta   90.000
_cell.angle_gamma   120.000
#
_symmetry.space_group_name_H-M   'P 65 2 2'
#
loop_
_entity.id
_entity.type
_entity.pdbx_description
1 polymer 'Tryptophan--tRNA ligase'
2 water water
#
_entity_poly.entity_id   1
_entity_poly.type   'polypeptide(L)'
_entity_poly.pdbx_seq_one_letter_code
;MSTPTGSRRIFSGVQPTSDSLHLGNALGAVAQWVGLQDDHDAFFCVVDLHAITIPQDPEALRRRTLITAAQYLALGIDPG
RATIFVQSQVPAHTQLAWVLGCFTGFGQASRMTQFKDKSARQGSEATTVGLFTYPVLQAADVLAYDTELVPVGEDQRQHL
ELARDVAQRFNSRFPGTLVVPDVLIPKMTAKIYDLQDPTSKMSKSAGTDAGLINLLDDPALSAKKIRSAVTDSERDIRYD
PDVKPGVSNLLNIQSAVTGTDIDVLVDGYAGHGYGDLKKDTAEAVVEFVNPIQARVDELTADPAELEAVLAAGAQRAHDV
ASKTVQRVYDRLGFLLLEHHHHHH
;
_entity_poly.pdbx_strand_id   A
#
# COMPACT_ATOMS: atom_id res chain seq x y z
N SER A 7 -19.22 -10.56 4.33
CA SER A 7 -18.26 -9.77 5.09
C SER A 7 -17.13 -9.32 4.15
N ARG A 8 -16.70 -10.22 3.27
CA ARG A 8 -15.74 -9.89 2.19
C ARG A 8 -14.51 -9.20 2.75
N ARG A 9 -13.93 -9.79 3.79
CA ARG A 9 -12.90 -9.09 4.56
C ARG A 9 -11.63 -8.87 3.75
N ILE A 10 -11.10 -7.64 3.81
CA ILE A 10 -9.83 -7.32 3.19
C ILE A 10 -8.85 -6.80 4.22
N PHE A 11 -7.58 -6.88 3.86
CA PHE A 11 -6.48 -6.44 4.71
C PHE A 11 -5.41 -5.87 3.81
N SER A 12 -4.86 -4.74 4.21
CA SER A 12 -3.66 -4.25 3.54
C SER A 12 -2.95 -3.31 4.49
N GLY A 13 -1.77 -2.88 4.07
CA GLY A 13 -1.01 -1.97 4.92
C GLY A 13 0.19 -1.43 4.18
N VAL A 14 0.77 -0.40 4.77
CA VAL A 14 1.99 0.26 4.29
C VAL A 14 2.92 0.47 5.49
N GLN A 15 4.22 0.36 5.25
CA GLN A 15 5.20 0.65 6.28
C GLN A 15 5.32 2.16 6.54
N PRO A 16 5.53 2.55 7.77
CA PRO A 16 5.79 3.97 8.07
C PRO A 16 7.28 4.31 7.95
N THR A 17 7.82 4.12 6.75
CA THR A 17 9.25 4.29 6.53
C THR A 17 9.64 5.65 5.96
N SER A 18 8.68 6.51 5.62
CA SER A 18 9.07 7.86 5.25
C SER A 18 8.03 8.85 5.74
N ASP A 19 8.37 10.13 5.56
CA ASP A 19 7.51 11.22 5.96
C ASP A 19 6.28 11.36 5.05
N SER A 20 6.26 10.69 3.92
CA SER A 20 5.14 10.85 2.99
C SER A 20 4.98 9.58 2.18
N LEU A 21 3.73 9.21 1.92
CA LEU A 21 3.49 8.28 0.82
C LEU A 21 3.74 9.01 -0.49
N HIS A 22 3.96 8.24 -1.55
CA HIS A 22 4.10 8.81 -2.88
C HIS A 22 2.90 8.41 -3.75
N LEU A 23 2.90 8.87 -5.01
CA LEU A 23 1.77 8.59 -5.90
C LEU A 23 1.60 7.10 -6.17
N GLY A 24 2.70 6.35 -6.18
CA GLY A 24 2.58 4.90 -6.27
C GLY A 24 1.66 4.33 -5.21
N ASN A 25 1.90 4.69 -3.94
CA ASN A 25 1.09 4.20 -2.82
C ASN A 25 -0.34 4.69 -2.91
N ALA A 26 -0.50 6.00 -3.10
CA ALA A 26 -1.82 6.61 -3.06
C ALA A 26 -2.71 6.10 -4.17
N LEU A 27 -2.18 5.99 -5.39
CA LEU A 27 -3.02 5.56 -6.50
C LEU A 27 -2.99 4.06 -6.74
N GLY A 28 -1.95 3.36 -6.28
CA GLY A 28 -1.83 1.95 -6.57
C GLY A 28 -2.19 1.04 -5.41
N ALA A 29 -2.46 1.64 -4.26
CA ALA A 29 -2.89 0.85 -3.12
C ALA A 29 -4.07 1.54 -2.43
N VAL A 30 -3.85 2.70 -1.82
CA VAL A 30 -4.87 3.30 -0.95
C VAL A 30 -6.15 3.60 -1.73
N ALA A 31 -6.01 4.10 -2.96
CA ALA A 31 -7.18 4.32 -3.81
C ALA A 31 -8.00 3.05 -4.00
N GLN A 32 -7.31 1.91 -4.17
CA GLN A 32 -8.01 0.64 -4.22
C GLN A 32 -8.73 0.37 -2.90
N TRP A 33 -8.05 0.62 -1.77
CA TRP A 33 -8.67 0.45 -0.46
C TRP A 33 -9.93 1.29 -0.33
N VAL A 34 -9.84 2.58 -0.71
CA VAL A 34 -10.99 3.47 -0.61
C VAL A 34 -12.15 2.92 -1.43
N GLY A 35 -11.86 2.36 -2.61
CA GLY A 35 -12.91 1.78 -3.44
C GLY A 35 -13.52 0.52 -2.86
N LEU A 36 -12.79 -0.17 -1.98
CA LEU A 36 -13.27 -1.42 -1.41
C LEU A 36 -14.06 -1.24 -0.11
N GLN A 37 -13.78 -0.19 0.65
CA GLN A 37 -14.24 -0.12 2.04
C GLN A 37 -15.76 -0.02 2.18
N ASP A 38 -16.48 0.38 1.13
CA ASP A 38 -17.93 0.52 1.22
C ASP A 38 -18.63 -0.84 1.34
N ASP A 39 -18.19 -1.85 0.59
CA ASP A 39 -18.87 -3.14 0.59
C ASP A 39 -17.96 -4.28 1.02
N HIS A 40 -16.79 -3.97 1.60
CA HIS A 40 -15.91 -4.98 2.19
C HIS A 40 -15.58 -4.55 3.61
N ASP A 41 -15.55 -5.54 4.51
CA ASP A 41 -15.02 -5.33 5.85
C ASP A 41 -13.50 -5.20 5.76
N ALA A 42 -12.97 -4.03 6.11
CA ALA A 42 -11.59 -3.71 5.78
C ALA A 42 -10.75 -3.46 7.03
N PHE A 43 -9.55 -4.01 7.03
CA PHE A 43 -8.53 -3.75 8.04
C PHE A 43 -7.31 -3.16 7.35
N PHE A 44 -6.95 -1.94 7.72
CA PHE A 44 -5.83 -1.22 7.10
C PHE A 44 -4.78 -0.97 8.17
N CYS A 45 -3.58 -1.47 7.92
CA CYS A 45 -2.56 -1.56 8.95
C CYS A 45 -1.40 -0.63 8.65
N VAL A 46 -0.84 -0.03 9.68
CA VAL A 46 0.46 0.63 9.56
C VAL A 46 1.47 -0.35 10.10
N VAL A 47 2.27 -0.92 9.21
CA VAL A 47 3.06 -2.11 9.60
C VAL A 47 4.40 -1.59 10.08
N ASP A 48 4.42 -1.14 11.35
CA ASP A 48 5.64 -0.61 11.94
C ASP A 48 6.67 -1.70 12.24
N LEU A 49 6.22 -2.96 12.46
CA LEU A 49 7.17 -4.04 12.74
C LEU A 49 8.07 -4.29 11.54
N HIS A 50 7.51 -4.16 10.33
CA HIS A 50 8.33 -4.34 9.14
C HIS A 50 9.35 -3.23 9.01
N ALA A 51 9.04 -2.03 9.50
CA ALA A 51 9.96 -0.91 9.31
C ALA A 51 11.30 -1.14 9.98
N ILE A 52 11.33 -1.91 11.09
CA ILE A 52 12.56 -2.02 11.86
C ILE A 52 13.44 -3.14 11.33
N THR A 53 13.10 -3.73 10.18
CA THR A 53 14.06 -4.58 9.50
C THR A 53 15.27 -3.78 8.99
N ILE A 54 15.14 -2.46 8.88
CA ILE A 54 16.29 -1.59 8.68
C ILE A 54 16.34 -0.64 9.87
N PRO A 55 17.50 -0.09 10.22
CA PRO A 55 17.56 0.78 11.40
C PRO A 55 16.65 1.99 11.25
N GLN A 56 15.95 2.32 12.31
CA GLN A 56 14.99 3.41 12.28
C GLN A 56 15.33 4.39 13.38
N ASP A 57 15.21 5.67 13.08
CA ASP A 57 15.30 6.65 14.14
C ASP A 57 14.01 6.58 14.96
N PRO A 58 14.10 6.41 16.28
CA PRO A 58 12.87 6.23 17.08
C PRO A 58 11.86 7.35 16.96
N GLU A 59 12.30 8.61 17.06
CA GLU A 59 11.37 9.74 16.97
C GLU A 59 10.71 9.81 15.60
N ALA A 60 11.48 9.60 14.54
CA ALA A 60 10.90 9.58 13.20
C ALA A 60 9.95 8.40 13.01
N LEU A 61 10.29 7.24 13.56
CA LEU A 61 9.42 6.07 13.40
C LEU A 61 8.03 6.34 13.97
N ARG A 62 7.98 6.88 15.20
CA ARG A 62 6.71 7.21 15.82
C ARG A 62 5.96 8.26 15.02
N ARG A 63 6.66 9.30 14.55
CA ARG A 63 6.02 10.37 13.80
C ARG A 63 5.48 9.85 12.47
N ARG A 64 6.24 8.98 11.80
CA ARG A 64 5.79 8.45 10.52
C ARG A 64 4.65 7.46 10.67
N THR A 65 4.63 6.71 11.77
CA THR A 65 3.48 5.84 12.06
C THR A 65 2.20 6.66 12.07
N LEU A 66 2.19 7.75 12.85
CA LEU A 66 1.01 8.60 12.92
C LEU A 66 0.71 9.22 11.55
N ILE A 67 1.74 9.69 10.85
CA ILE A 67 1.47 10.40 9.61
C ILE A 67 1.06 9.45 8.49
N THR A 68 1.43 8.16 8.58
CA THR A 68 0.94 7.19 7.60
C THR A 68 -0.54 6.94 7.82
N ALA A 69 -0.94 6.79 9.08
CA ALA A 69 -2.36 6.67 9.39
C ALA A 69 -3.12 7.93 8.94
N ALA A 70 -2.55 9.11 9.21
CA ALA A 70 -3.23 10.35 8.82
C ALA A 70 -3.42 10.42 7.31
N GLN A 71 -2.42 9.94 6.56
CA GLN A 71 -2.58 9.93 5.11
C GLN A 71 -3.68 8.96 4.68
N TYR A 72 -3.83 7.83 5.37
CA TYR A 72 -4.97 6.95 5.08
C TYR A 72 -6.26 7.73 5.17
N LEU A 73 -6.50 8.41 6.30
CA LEU A 73 -7.73 9.18 6.44
C LEU A 73 -7.84 10.28 5.37
N ALA A 74 -6.73 10.98 5.09
CA ALA A 74 -6.76 12.08 4.13
C ALA A 74 -7.01 11.58 2.71
N LEU A 75 -6.66 10.33 2.42
CA LEU A 75 -6.96 9.75 1.12
C LEU A 75 -8.37 9.18 1.04
N GLY A 76 -9.18 9.32 2.08
CA GLY A 76 -10.56 8.86 2.06
C GLY A 76 -10.85 7.59 2.84
N ILE A 77 -9.85 6.94 3.46
CA ILE A 77 -10.16 5.83 4.34
C ILE A 77 -11.06 6.32 5.46
N ASP A 78 -12.14 5.61 5.67
CA ASP A 78 -13.21 6.09 6.55
C ASP A 78 -13.22 5.26 7.82
N PRO A 79 -12.85 5.83 8.97
CA PRO A 79 -12.82 5.04 10.21
C PRO A 79 -14.20 4.60 10.68
N GLY A 80 -15.28 5.14 10.11
CA GLY A 80 -16.59 4.58 10.37
C GLY A 80 -16.93 3.34 9.57
N ARG A 81 -16.15 3.05 8.53
CA ARG A 81 -16.36 1.87 7.70
C ARG A 81 -15.22 0.87 7.75
N ALA A 82 -14.03 1.27 8.22
CA ALA A 82 -12.86 0.40 8.18
C ALA A 82 -12.12 0.50 9.50
N THR A 83 -11.27 -0.48 9.76
CA THR A 83 -10.42 -0.51 10.95
C THR A 83 -9.00 -0.14 10.55
N ILE A 84 -8.45 0.87 11.20
CA ILE A 84 -7.08 1.32 10.95
C ILE A 84 -6.31 1.13 12.25
N PHE A 85 -5.16 0.47 12.16
CA PHE A 85 -4.46 0.14 13.39
C PHE A 85 -2.98 -0.01 13.10
N VAL A 86 -2.21 0.01 14.19
CA VAL A 86 -0.76 -0.09 14.16
C VAL A 86 -0.37 -1.53 14.48
N GLN A 87 0.41 -2.12 13.59
CA GLN A 87 0.75 -3.55 13.65
C GLN A 87 1.31 -3.97 15.02
N SER A 88 2.27 -3.20 15.54
CA SER A 88 2.94 -3.58 16.78
C SER A 88 1.99 -3.63 17.96
N GLN A 89 0.82 -3.01 17.85
CA GLN A 89 -0.11 -3.01 18.96
C GLN A 89 -0.93 -4.27 19.05
N VAL A 90 -0.77 -5.22 18.13
CA VAL A 90 -1.57 -6.44 18.10
C VAL A 90 -0.63 -7.62 18.18
N PRO A 91 -0.45 -8.20 19.38
CA PRO A 91 0.58 -9.26 19.58
C PRO A 91 0.40 -10.46 18.68
N ALA A 92 -0.83 -10.72 18.24
CA ALA A 92 -1.13 -11.91 17.45
C ALA A 92 -0.32 -11.97 16.16
N HIS A 93 0.12 -10.81 15.64
CA HIS A 93 0.89 -10.82 14.40
C HIS A 93 2.14 -11.65 14.55
N THR A 94 2.90 -11.40 15.64
CA THR A 94 4.15 -12.12 15.84
C THR A 94 3.90 -13.56 16.29
N GLN A 95 2.82 -13.81 17.04
CA GLN A 95 2.52 -15.19 17.44
C GLN A 95 2.24 -16.05 16.21
N LEU A 96 1.33 -15.58 15.34
CA LEU A 96 1.09 -16.30 14.10
C LEU A 96 2.33 -16.37 13.24
N ALA A 97 3.14 -15.31 13.21
CA ALA A 97 4.34 -15.35 12.37
C ALA A 97 5.28 -16.46 12.81
N TRP A 98 5.44 -16.66 14.13
CA TRP A 98 6.25 -17.79 14.58
C TRP A 98 5.69 -19.10 14.05
N VAL A 99 4.38 -19.33 14.25
CA VAL A 99 3.76 -20.58 13.79
C VAL A 99 3.97 -20.77 12.30
N LEU A 100 3.68 -19.72 11.52
CA LEU A 100 3.80 -19.82 10.08
C LEU A 100 5.23 -20.09 9.63
N GLY A 101 6.22 -19.53 10.33
CA GLY A 101 7.59 -19.81 9.99
C GLY A 101 7.91 -21.29 10.12
N CYS A 102 7.26 -21.98 11.07
CA CYS A 102 7.48 -23.40 11.22
C CYS A 102 6.90 -24.21 10.07
N PHE A 103 6.09 -23.59 9.21
CA PHE A 103 5.47 -24.24 8.06
C PHE A 103 5.96 -23.66 6.75
N THR A 104 7.03 -22.87 6.79
CA THR A 104 7.58 -22.18 5.63
C THR A 104 8.95 -22.80 5.34
N GLY A 105 9.15 -23.30 4.13
CA GLY A 105 10.44 -23.82 3.77
C GLY A 105 11.50 -22.73 3.76
N PHE A 106 12.72 -23.13 4.13
CA PHE A 106 13.83 -22.18 4.10
C PHE A 106 14.10 -21.68 2.67
N GLY A 107 14.21 -22.61 1.71
CA GLY A 107 14.41 -22.19 0.34
C GLY A 107 13.25 -21.36 -0.18
N GLN A 108 12.03 -21.76 0.18
CA GLN A 108 10.83 -21.00 -0.15
C GLN A 108 10.96 -19.54 0.26
N ALA A 109 11.54 -19.29 1.44
CA ALA A 109 11.77 -17.91 1.87
C ALA A 109 13.04 -17.32 1.26
N SER A 110 14.07 -18.13 1.02
CA SER A 110 15.27 -17.63 0.35
C SER A 110 14.94 -17.11 -1.04
N ARG A 111 14.10 -17.84 -1.79
CA ARG A 111 13.75 -17.44 -3.14
C ARG A 111 12.92 -16.16 -3.19
N MET A 112 12.44 -15.67 -2.04
CA MET A 112 11.63 -14.46 -2.01
C MET A 112 12.45 -13.31 -2.57
N THR A 127 22.42 -8.80 5.46
CA THR A 127 21.08 -9.32 5.70
C THR A 127 20.97 -9.83 7.14
N THR A 128 19.83 -9.57 7.75
CA THR A 128 19.50 -9.99 9.09
C THR A 128 18.42 -11.06 9.02
N VAL A 129 18.18 -11.71 10.16
CA VAL A 129 17.04 -12.62 10.25
C VAL A 129 15.75 -11.88 9.91
N GLY A 130 15.57 -10.67 10.41
CA GLY A 130 14.33 -9.95 10.16
C GLY A 130 14.10 -9.70 8.67
N LEU A 131 15.16 -9.32 7.96
CA LEU A 131 15.08 -9.17 6.51
C LEU A 131 14.76 -10.49 5.83
N PHE A 132 15.19 -11.61 6.40
CA PHE A 132 14.93 -12.88 5.77
C PHE A 132 13.50 -13.32 6.04
N THR A 133 13.00 -13.12 7.25
CA THR A 133 11.72 -13.69 7.65
C THR A 133 10.54 -12.77 7.46
N TYR A 134 10.76 -11.52 7.05
CA TYR A 134 9.58 -10.65 7.04
C TYR A 134 8.47 -11.08 6.09
N PRO A 135 8.71 -11.82 4.99
CA PRO A 135 7.57 -12.36 4.22
C PRO A 135 6.66 -13.23 5.05
N VAL A 136 7.21 -13.94 6.03
CA VAL A 136 6.40 -14.76 6.92
C VAL A 136 5.56 -13.88 7.84
N LEU A 137 6.13 -12.78 8.34
CA LEU A 137 5.30 -11.88 9.14
C LEU A 137 4.25 -11.21 8.25
N GLN A 138 4.59 -10.94 6.99
CA GLN A 138 3.59 -10.44 6.06
C GLN A 138 2.44 -11.42 5.89
N ALA A 139 2.77 -12.71 5.76
CA ALA A 139 1.71 -13.73 5.68
C ALA A 139 0.88 -13.70 6.95
N ALA A 140 1.54 -13.63 8.10
CA ALA A 140 0.81 -13.56 9.37
C ALA A 140 -0.16 -12.38 9.40
N ASP A 141 0.31 -11.20 8.95
CA ASP A 141 -0.51 -9.98 8.98
C ASP A 141 -1.86 -10.25 8.34
N VAL A 142 -1.84 -10.93 7.20
CA VAL A 142 -3.06 -11.17 6.43
C VAL A 142 -3.91 -12.28 7.07
N LEU A 143 -3.29 -13.44 7.30
CA LEU A 143 -4.02 -14.62 7.75
C LEU A 143 -4.61 -14.43 9.14
N ALA A 144 -4.06 -13.52 9.94
CA ALA A 144 -4.55 -13.32 11.30
C ALA A 144 -5.99 -12.81 11.32
N TYR A 145 -6.47 -12.21 10.23
CA TYR A 145 -7.81 -11.62 10.23
C TYR A 145 -8.79 -12.41 9.39
N ASP A 146 -8.49 -13.67 9.08
CA ASP A 146 -9.39 -14.46 8.23
C ASP A 146 -9.67 -13.69 6.95
N THR A 147 -8.61 -13.09 6.41
CA THR A 147 -8.74 -12.18 5.27
C THR A 147 -9.21 -12.94 4.04
N GLU A 148 -10.31 -12.46 3.44
CA GLU A 148 -10.76 -13.06 2.20
C GLU A 148 -10.00 -12.51 0.99
N LEU A 149 -9.60 -11.23 1.00
CA LEU A 149 -9.00 -10.68 -0.21
C LEU A 149 -7.93 -9.67 0.17
N VAL A 150 -6.85 -9.67 -0.59
CA VAL A 150 -5.77 -8.72 -0.31
C VAL A 150 -5.50 -7.88 -1.55
N PRO A 151 -5.73 -6.58 -1.50
CA PRO A 151 -5.33 -5.73 -2.62
C PRO A 151 -3.82 -5.59 -2.63
N VAL A 152 -3.22 -5.85 -3.79
CA VAL A 152 -1.77 -5.77 -3.89
C VAL A 152 -1.41 -5.46 -5.33
N GLY A 153 -0.30 -4.73 -5.51
CA GLY A 153 0.25 -4.59 -6.84
C GLY A 153 0.74 -5.91 -7.39
N GLU A 154 0.75 -6.02 -8.72
CA GLU A 154 1.20 -7.26 -9.35
C GLU A 154 2.66 -7.57 -9.03
N ASP A 155 3.42 -6.57 -8.55
CA ASP A 155 4.82 -6.76 -8.19
C ASP A 155 5.02 -7.15 -6.74
N GLN A 156 4.07 -6.92 -5.84
CA GLN A 156 4.21 -7.51 -4.51
C GLN A 156 3.29 -8.71 -4.34
N ARG A 157 2.89 -9.34 -5.47
CA ARG A 157 2.04 -10.51 -5.45
C ARG A 157 2.77 -11.72 -4.88
N GLN A 158 4.06 -11.85 -5.19
CA GLN A 158 4.76 -13.09 -4.87
C GLN A 158 4.82 -13.32 -3.36
N HIS A 159 4.89 -12.24 -2.57
CA HIS A 159 4.77 -12.35 -1.11
C HIS A 159 3.44 -12.97 -0.71
N LEU A 160 2.35 -12.57 -1.37
CA LEU A 160 1.04 -13.10 -1.04
C LEU A 160 0.90 -14.57 -1.42
N GLU A 161 1.54 -14.99 -2.53
CA GLU A 161 1.50 -16.41 -2.88
C GLU A 161 2.16 -17.26 -1.80
N LEU A 162 3.21 -16.74 -1.17
CA LEU A 162 3.79 -17.45 -0.02
C LEU A 162 2.76 -17.58 1.08
N ALA A 163 2.07 -16.47 1.40
CA ALA A 163 1.01 -16.54 2.40
C ALA A 163 -0.04 -17.58 2.02
N ARG A 164 -0.43 -17.61 0.74
CA ARG A 164 -1.46 -18.56 0.32
C ARG A 164 -0.93 -19.99 0.42
N ASP A 165 0.32 -20.20 0.01
CA ASP A 165 0.94 -21.52 0.07
C ASP A 165 1.07 -22.01 1.50
N VAL A 166 1.58 -21.16 2.40
CA VAL A 166 1.71 -21.60 3.78
C VAL A 166 0.35 -21.87 4.39
N ALA A 167 -0.66 -21.05 4.04
CA ALA A 167 -2.00 -21.30 4.56
C ALA A 167 -2.54 -22.65 4.09
N GLN A 168 -2.40 -22.94 2.80
CA GLN A 168 -2.82 -24.22 2.26
C GLN A 168 -2.07 -25.38 2.90
N ARG A 169 -0.76 -25.21 3.13
CA ARG A 169 -0.02 -26.28 3.78
C ARG A 169 -0.47 -26.48 5.22
N PHE A 170 -0.67 -25.37 5.95
CA PHE A 170 -1.17 -25.52 7.32
C PHE A 170 -2.54 -26.18 7.32
N ASN A 171 -3.41 -25.78 6.39
CA ASN A 171 -4.78 -26.33 6.36
C ASN A 171 -4.79 -27.81 5.97
N SER A 172 -3.82 -28.27 5.19
CA SER A 172 -3.77 -29.68 4.87
C SER A 172 -3.51 -30.53 6.12
N ARG A 173 -2.66 -30.05 7.05
CA ARG A 173 -2.52 -30.72 8.34
C ARG A 173 -3.75 -30.51 9.20
N PHE A 174 -4.31 -29.30 9.18
CA PHE A 174 -5.33 -28.88 10.12
C PHE A 174 -6.46 -28.24 9.33
N PRO A 175 -7.36 -29.06 8.77
CA PRO A 175 -8.36 -28.54 7.81
C PRO A 175 -9.22 -27.41 8.35
N GLY A 176 -9.43 -26.40 7.51
CA GLY A 176 -10.34 -25.33 7.84
C GLY A 176 -9.88 -24.31 8.85
N THR A 177 -8.58 -24.24 9.15
CA THR A 177 -8.16 -23.35 10.24
C THR A 177 -7.99 -21.90 9.75
N LEU A 178 -7.36 -21.72 8.59
CA LEU A 178 -7.00 -20.42 8.06
C LEU A 178 -7.76 -20.16 6.77
N VAL A 179 -8.23 -18.92 6.60
CA VAL A 179 -8.76 -18.49 5.31
C VAL A 179 -7.59 -18.30 4.33
N VAL A 180 -7.72 -18.85 3.13
CA VAL A 180 -6.74 -18.65 2.07
C VAL A 180 -7.16 -17.40 1.28
N PRO A 181 -6.42 -16.31 1.34
CA PRO A 181 -6.87 -15.05 0.73
C PRO A 181 -6.71 -15.04 -0.78
N ASP A 182 -7.70 -14.46 -1.45
CA ASP A 182 -7.59 -14.14 -2.87
C ASP A 182 -6.78 -12.86 -3.08
N VAL A 183 -6.04 -12.83 -4.19
CA VAL A 183 -5.24 -11.67 -4.55
C VAL A 183 -6.08 -10.71 -5.41
N LEU A 184 -6.16 -9.44 -4.98
CA LEU A 184 -6.84 -8.39 -5.76
C LEU A 184 -5.77 -7.53 -6.43
N ILE A 185 -5.60 -7.72 -7.73
CA ILE A 185 -4.71 -6.90 -8.53
C ILE A 185 -5.49 -5.67 -8.99
N PRO A 186 -5.00 -4.46 -8.77
CA PRO A 186 -5.74 -3.27 -9.25
C PRO A 186 -5.66 -3.16 -10.77
N LYS A 187 -6.51 -2.28 -11.31
CA LYS A 187 -6.45 -1.99 -12.74
C LYS A 187 -5.03 -1.55 -13.11
N MET A 188 -4.63 -1.85 -14.35
CA MET A 188 -3.29 -1.47 -14.77
C MET A 188 -3.07 0.03 -14.70
N THR A 189 -4.13 0.83 -14.70
CA THR A 189 -3.90 2.25 -14.51
C THR A 189 -3.57 2.63 -13.07
N ALA A 190 -3.39 1.64 -12.18
CA ALA A 190 -2.89 1.89 -10.83
C ALA A 190 -1.37 1.81 -10.73
N LYS A 191 -0.70 1.25 -11.74
CA LYS A 191 0.76 1.21 -11.75
C LYS A 191 1.29 2.59 -12.12
N ILE A 192 2.06 3.19 -11.21
CA ILE A 192 2.67 4.49 -11.41
C ILE A 192 4.18 4.31 -11.48
N TYR A 193 4.80 4.93 -12.48
CA TYR A 193 6.22 4.77 -12.76
C TYR A 193 6.99 6.04 -12.41
N ASP A 194 8.30 5.86 -12.18
CA ASP A 194 9.20 6.98 -11.94
C ASP A 194 9.19 7.94 -13.12
N LEU A 195 9.18 9.24 -12.82
CA LEU A 195 9.10 10.25 -13.87
C LEU A 195 10.42 10.45 -14.60
N GLN A 196 11.54 10.10 -13.98
CA GLN A 196 12.84 10.21 -14.65
C GLN A 196 13.25 8.92 -15.33
N ASP A 197 12.81 7.77 -14.81
CA ASP A 197 12.95 6.48 -15.49
C ASP A 197 11.59 5.80 -15.48
N PRO A 198 10.76 6.04 -16.50
CA PRO A 198 9.40 5.48 -16.50
C PRO A 198 9.31 4.00 -16.83
N THR A 199 10.44 3.29 -16.94
CA THR A 199 10.38 1.84 -16.93
C THR A 199 10.36 1.27 -15.52
N SER A 200 10.59 2.11 -14.51
CA SER A 200 10.68 1.70 -13.12
C SER A 200 9.48 2.23 -12.34
N LYS A 201 8.81 1.33 -11.61
CA LYS A 201 7.91 1.68 -10.54
C LYS A 201 8.40 2.88 -9.74
N MET A 202 7.52 3.85 -9.53
CA MET A 202 7.78 4.90 -8.57
C MET A 202 8.01 4.27 -7.20
N SER A 203 9.20 4.48 -6.65
CA SER A 203 9.63 3.80 -5.44
C SER A 203 10.58 4.70 -4.66
N LYS A 204 10.53 4.58 -3.35
CA LYS A 204 11.42 5.36 -2.51
C LYS A 204 12.87 4.94 -2.76
N SER A 205 13.03 3.82 -3.45
CA SER A 205 14.32 3.22 -3.82
C SER A 205 15.13 3.97 -4.87
N ALA A 206 14.50 4.93 -5.54
CA ALA A 206 15.12 5.74 -6.55
C ALA A 206 16.36 6.50 -6.03
N GLY A 207 17.29 6.77 -6.94
CA GLY A 207 18.52 7.46 -6.64
C GLY A 207 18.22 8.75 -5.93
N THR A 208 17.44 9.56 -6.62
CA THR A 208 16.96 10.80 -6.11
C THR A 208 15.46 10.78 -6.13
N ASP A 209 14.84 11.77 -5.51
CA ASP A 209 13.43 11.89 -5.52
C ASP A 209 13.03 12.75 -6.71
N ALA A 210 13.87 12.84 -7.74
CA ALA A 210 13.52 13.74 -8.83
C ALA A 210 12.34 13.21 -9.65
N GLY A 211 12.28 11.89 -9.84
CA GLY A 211 11.19 11.24 -10.53
C GLY A 211 10.06 10.71 -9.65
N LEU A 212 10.04 11.09 -8.37
CA LEU A 212 9.05 10.59 -7.42
C LEU A 212 8.21 11.73 -6.86
N ILE A 213 6.89 11.50 -6.75
CA ILE A 213 5.96 12.52 -6.27
C ILE A 213 5.47 12.12 -4.88
N ASN A 214 5.94 12.82 -3.85
CA ASN A 214 5.42 12.62 -2.50
C ASN A 214 4.14 13.42 -2.31
N LEU A 215 3.16 12.77 -1.69
CA LEU A 215 1.87 13.40 -1.43
C LEU A 215 2.01 14.68 -0.63
N LEU A 216 2.91 14.70 0.35
CA LEU A 216 2.99 15.81 1.30
C LEU A 216 4.08 16.82 0.94
N ASP A 217 4.80 16.61 -0.16
CA ASP A 217 5.77 17.57 -0.66
C ASP A 217 5.08 18.84 -1.15
N ASP A 218 5.83 19.94 -1.12
CA ASP A 218 5.35 21.20 -1.69
C ASP A 218 4.71 20.93 -3.05
N PRO A 219 3.44 21.28 -3.25
CA PRO A 219 2.78 20.95 -4.52
C PRO A 219 3.47 21.55 -5.74
N ALA A 220 4.07 22.74 -5.60
CA ALA A 220 4.80 23.33 -6.72
C ALA A 220 6.05 22.53 -7.04
N LEU A 221 6.71 21.99 -6.02
CA LEU A 221 7.83 21.09 -6.25
C LEU A 221 7.40 19.86 -7.05
N SER A 222 6.25 19.27 -6.70
CA SER A 222 5.81 18.09 -7.42
C SER A 222 5.44 18.45 -8.85
N ALA A 223 4.80 19.60 -9.05
CA ALA A 223 4.45 20.04 -10.40
C ALA A 223 5.69 20.18 -11.27
N LYS A 224 6.74 20.81 -10.71
CA LYS A 224 7.99 20.93 -11.45
C LYS A 224 8.50 19.57 -11.88
N LYS A 225 8.45 18.58 -10.98
CA LYS A 225 8.92 17.24 -11.33
C LYS A 225 8.15 16.67 -12.51
N ILE A 226 6.83 16.92 -12.54
CA ILE A 226 5.98 16.40 -13.61
C ILE A 226 6.32 17.08 -14.94
N ARG A 227 6.42 18.43 -14.94
CA ARG A 227 6.89 19.14 -16.14
C ARG A 227 8.21 18.60 -16.66
N SER A 228 9.05 18.03 -15.79
CA SER A 228 10.37 17.53 -16.18
C SER A 228 10.35 16.10 -16.66
N ALA A 229 9.18 15.48 -16.76
CA ALA A 229 9.09 14.03 -16.96
C ALA A 229 9.70 13.60 -18.29
N VAL A 230 10.42 12.49 -18.27
CA VAL A 230 11.03 11.96 -19.49
C VAL A 230 9.93 11.43 -20.39
N THR A 231 9.97 11.83 -21.66
CA THR A 231 9.00 11.33 -22.63
C THR A 231 9.70 10.63 -23.78
N ASP A 232 9.19 10.85 -24.96
CA ASP A 232 9.80 10.23 -26.08
C ASP A 232 9.95 11.22 -27.20
N SER A 233 10.37 10.70 -28.34
CA SER A 233 10.61 11.51 -29.47
C SER A 233 9.57 11.48 -30.57
N GLU A 234 8.46 10.81 -30.35
CA GLU A 234 7.36 10.66 -31.31
C GLU A 234 6.36 11.83 -31.44
N ARG A 235 6.31 12.63 -30.45
CA ARG A 235 5.33 13.72 -30.36
C ARG A 235 3.95 13.24 -30.81
N ASP A 236 3.49 12.18 -30.13
CA ASP A 236 2.18 11.57 -30.37
C ASP A 236 1.65 11.09 -29.03
N ILE A 237 0.57 11.72 -28.56
CA ILE A 237 -0.01 11.33 -27.27
C ILE A 237 -0.85 10.08 -27.50
N ARG A 238 -0.32 8.94 -27.06
CA ARG A 238 -0.95 7.65 -27.29
C ARG A 238 -0.57 6.71 -26.15
N TYR A 239 -1.56 5.99 -25.63
CA TYR A 239 -1.32 5.13 -24.48
C TYR A 239 -0.73 3.80 -24.97
N ASP A 240 0.54 3.56 -24.65
CA ASP A 240 1.19 2.29 -24.96
C ASP A 240 2.34 2.11 -23.97
N PRO A 241 2.12 1.42 -22.86
CA PRO A 241 3.12 1.40 -21.78
C PRO A 241 4.51 0.90 -22.22
N ASP A 242 4.60 0.00 -23.19
CA ASP A 242 5.89 -0.60 -23.53
C ASP A 242 6.49 -0.05 -24.81
N VAL A 243 5.80 0.90 -25.45
CA VAL A 243 6.40 1.68 -26.54
C VAL A 243 6.58 3.13 -26.13
N LYS A 244 5.66 3.67 -25.33
CA LYS A 244 5.77 5.03 -24.78
C LYS A 244 5.62 5.07 -23.26
N PRO A 245 6.64 4.68 -22.52
CA PRO A 245 6.46 4.55 -21.06
C PRO A 245 6.22 5.87 -20.35
N GLY A 246 7.02 6.89 -20.67
CA GLY A 246 6.82 8.18 -20.02
C GLY A 246 5.51 8.84 -20.41
N VAL A 247 5.14 8.77 -21.69
CA VAL A 247 3.87 9.35 -22.13
C VAL A 247 2.70 8.58 -21.53
N SER A 248 2.76 7.25 -21.58
CA SER A 248 1.72 6.44 -20.96
C SER A 248 1.63 6.69 -19.47
N ASN A 249 2.78 6.73 -18.78
CA ASN A 249 2.75 6.91 -17.32
C ASN A 249 2.12 8.24 -16.94
N LEU A 250 2.39 9.30 -17.71
CA LEU A 250 1.76 10.58 -17.44
C LEU A 250 0.26 10.49 -17.64
N LEU A 251 -0.20 9.61 -18.53
CA LEU A 251 -1.63 9.46 -18.77
C LEU A 251 -2.31 8.73 -17.61
N ASN A 252 -1.70 7.62 -17.14
CA ASN A 252 -2.08 6.98 -15.89
C ASN A 252 -2.37 7.98 -14.78
N ILE A 253 -1.39 8.85 -14.52
CA ILE A 253 -1.46 9.74 -13.36
C ILE A 253 -2.61 10.73 -13.51
N GLN A 254 -2.72 11.36 -14.68
CA GLN A 254 -3.77 12.37 -14.84
C GLN A 254 -5.14 11.75 -14.73
N SER A 255 -5.32 10.58 -15.33
CA SER A 255 -6.58 9.85 -15.23
C SER A 255 -6.89 9.51 -13.78
N ALA A 256 -5.97 8.80 -13.12
CA ALA A 256 -6.19 8.33 -11.75
C ALA A 256 -6.51 9.48 -10.80
N VAL A 257 -5.91 10.64 -11.02
CA VAL A 257 -6.09 11.79 -10.14
C VAL A 257 -7.37 12.59 -10.40
N THR A 258 -7.88 12.59 -11.64
CA THR A 258 -9.08 13.33 -11.96
C THR A 258 -10.32 12.46 -12.09
N GLY A 259 -10.13 11.16 -12.34
CA GLY A 259 -11.22 10.27 -12.67
C GLY A 259 -11.51 10.16 -14.16
N THR A 260 -11.10 11.14 -14.96
CA THR A 260 -11.27 11.09 -16.40
C THR A 260 -10.60 9.85 -16.99
N ASP A 261 -11.32 9.13 -17.84
CA ASP A 261 -10.77 7.95 -18.47
C ASP A 261 -9.63 8.33 -19.41
N ILE A 262 -8.77 7.36 -19.71
CA ILE A 262 -7.64 7.59 -20.59
C ILE A 262 -8.12 7.82 -22.03
N ASP A 263 -9.23 7.19 -22.40
CA ASP A 263 -9.84 7.44 -23.71
C ASP A 263 -10.19 8.90 -23.89
N VAL A 264 -10.90 9.49 -22.93
CA VAL A 264 -11.31 10.89 -23.04
C VAL A 264 -10.10 11.80 -23.11
N LEU A 265 -9.04 11.47 -22.36
CA LEU A 265 -7.84 12.30 -22.38
C LEU A 265 -7.10 12.18 -23.71
N VAL A 266 -6.88 10.95 -24.17
CA VAL A 266 -6.16 10.73 -25.43
C VAL A 266 -6.91 11.37 -26.60
N ASP A 267 -8.25 11.24 -26.62
CA ASP A 267 -9.03 11.87 -27.69
C ASP A 267 -8.95 13.39 -27.60
N GLY A 268 -9.00 13.94 -26.38
CA GLY A 268 -8.81 15.36 -26.19
C GLY A 268 -7.39 15.85 -26.41
N TYR A 269 -6.47 14.92 -26.68
CA TYR A 269 -5.05 15.21 -26.94
C TYR A 269 -4.60 14.99 -28.37
N ALA A 270 -5.48 14.56 -29.27
CA ALA A 270 -5.10 14.47 -30.67
C ALA A 270 -4.63 15.84 -31.16
N GLY A 271 -3.51 15.84 -31.83
CA GLY A 271 -2.97 17.06 -32.27
C GLY A 271 -2.15 17.75 -31.23
N HIS A 272 -2.22 17.34 -29.98
CA HIS A 272 -1.45 18.00 -28.95
C HIS A 272 -0.06 17.41 -28.74
N GLY A 273 0.82 18.24 -28.21
CA GLY A 273 2.16 17.89 -27.88
C GLY A 273 2.31 17.45 -26.44
N TYR A 274 3.51 17.03 -26.11
CA TYR A 274 3.79 16.51 -24.78
C TYR A 274 3.79 17.60 -23.74
N GLY A 275 4.17 18.82 -24.10
CA GLY A 275 4.09 19.93 -23.17
C GLY A 275 2.69 20.07 -22.60
N ASP A 276 1.67 19.92 -23.44
CA ASP A 276 0.31 20.04 -22.96
C ASP A 276 -0.05 18.92 -22.00
N LEU A 277 0.46 17.72 -22.28
CA LEU A 277 0.21 16.60 -21.37
C LEU A 277 0.86 16.83 -20.01
N LYS A 278 2.10 17.32 -20.00
CA LYS A 278 2.83 17.53 -18.74
C LYS A 278 2.14 18.59 -17.88
N LYS A 279 1.82 19.76 -18.47
CA LYS A 279 1.15 20.84 -17.73
C LYS A 279 -0.14 20.36 -17.10
N ASP A 280 -0.96 19.67 -17.88
CA ASP A 280 -2.25 19.23 -17.39
C ASP A 280 -2.10 18.26 -16.22
N THR A 281 -1.23 17.26 -16.39
CA THR A 281 -1.00 16.30 -15.31
C THR A 281 -0.47 16.99 -14.06
N ALA A 282 0.45 17.94 -14.20
CA ALA A 282 0.95 18.65 -13.02
C ALA A 282 -0.18 19.38 -12.31
N GLU A 283 -1.02 20.09 -13.08
CA GLU A 283 -2.13 20.83 -12.47
C GLU A 283 -3.08 19.89 -11.73
N ALA A 284 -3.41 18.76 -12.34
CA ALA A 284 -4.32 17.81 -11.71
C ALA A 284 -3.71 17.20 -10.44
N VAL A 285 -2.41 16.88 -10.48
CA VAL A 285 -1.73 16.38 -9.28
C VAL A 285 -1.77 17.42 -8.17
N VAL A 286 -1.52 18.69 -8.51
CA VAL A 286 -1.56 19.76 -7.52
C VAL A 286 -2.93 19.82 -6.84
N GLU A 287 -4.00 19.75 -7.63
CA GLU A 287 -5.33 19.79 -7.05
C GLU A 287 -5.62 18.53 -6.24
N PHE A 288 -4.94 17.44 -6.56
CA PHE A 288 -5.07 16.23 -5.78
C PHE A 288 -4.43 16.37 -4.40
N VAL A 289 -3.15 16.80 -4.36
CA VAL A 289 -2.41 16.71 -3.10
C VAL A 289 -2.77 17.84 -2.15
N ASN A 290 -3.23 18.98 -2.66
CA ASN A 290 -3.55 20.10 -1.77
C ASN A 290 -4.55 19.74 -0.68
N PRO A 291 -5.70 19.13 -0.96
CA PRO A 291 -6.61 18.77 0.14
C PRO A 291 -6.04 17.69 1.04
N ILE A 292 -5.25 16.78 0.49
CA ILE A 292 -4.61 15.75 1.32
C ILE A 292 -3.77 16.42 2.40
N GLN A 293 -2.91 17.34 1.99
CA GLN A 293 -2.02 18.02 2.93
C GLN A 293 -2.81 18.78 4.00
N ALA A 294 -3.92 19.39 3.62
CA ALA A 294 -4.72 20.11 4.61
C ALA A 294 -5.22 19.17 5.68
N ARG A 295 -5.67 17.98 5.28
CA ARG A 295 -6.22 17.03 6.23
C ARG A 295 -5.11 16.47 7.13
N VAL A 296 -3.99 16.08 6.54
CA VAL A 296 -2.86 15.57 7.32
C VAL A 296 -2.41 16.62 8.32
N ASP A 297 -2.26 17.87 7.88
CA ASP A 297 -1.84 18.93 8.80
C ASP A 297 -2.79 19.04 9.98
N GLU A 298 -4.11 18.93 9.75
CA GLU A 298 -5.05 19.00 10.87
C GLU A 298 -4.94 17.76 11.76
N LEU A 299 -4.73 16.58 11.16
CA LEU A 299 -4.59 15.38 11.98
C LEU A 299 -3.29 15.37 12.78
N THR A 300 -2.24 16.01 12.25
CA THR A 300 -1.00 16.12 13.01
C THR A 300 -1.14 17.11 14.17
N ALA A 301 -1.79 18.25 13.93
CA ALA A 301 -1.84 19.31 14.93
C ALA A 301 -2.77 18.93 16.08
N ASP A 302 -3.91 18.32 15.78
CA ASP A 302 -4.87 17.83 16.76
C ASP A 302 -4.86 16.30 16.74
N PRO A 303 -3.95 15.64 17.46
CA PRO A 303 -3.74 14.21 17.28
C PRO A 303 -4.71 13.31 18.04
N ALA A 304 -5.61 13.87 18.84
CA ALA A 304 -6.50 13.02 19.63
C ALA A 304 -7.47 12.25 18.74
N GLU A 305 -7.92 12.86 17.63
CA GLU A 305 -8.82 12.16 16.72
C GLU A 305 -8.15 10.91 16.15
N LEU A 306 -6.95 11.07 15.61
CA LEU A 306 -6.20 9.96 15.06
C LEU A 306 -5.95 8.88 16.12
N GLU A 307 -5.50 9.30 17.31
CA GLU A 307 -5.16 8.33 18.33
C GLU A 307 -6.40 7.57 18.79
N ALA A 308 -7.56 8.21 18.77
CA ALA A 308 -8.80 7.48 19.08
C ALA A 308 -9.10 6.46 18.00
N VAL A 309 -8.85 6.80 16.73
CA VAL A 309 -9.12 5.85 15.65
C VAL A 309 -8.20 4.63 15.77
N LEU A 310 -6.92 4.88 16.00
CA LEU A 310 -5.94 3.82 16.13
C LEU A 310 -6.20 2.95 17.36
N ALA A 311 -6.64 3.56 18.47
CA ALA A 311 -6.98 2.81 19.67
C ALA A 311 -8.21 1.91 19.43
N ALA A 312 -9.27 2.47 18.86
CA ALA A 312 -10.41 1.62 18.49
C ALA A 312 -9.99 0.53 17.50
N GLY A 313 -9.15 0.88 16.53
CA GLY A 313 -8.72 -0.09 15.56
C GLY A 313 -7.93 -1.23 16.17
N ALA A 314 -7.01 -0.89 17.10
CA ALA A 314 -6.20 -1.92 17.74
C ALA A 314 -7.07 -2.86 18.57
N GLN A 315 -8.08 -2.31 19.25
CA GLN A 315 -8.97 -3.14 20.04
C GLN A 315 -9.75 -4.11 19.16
N ARG A 316 -10.25 -3.63 18.01
CA ARG A 316 -10.98 -4.55 17.16
C ARG A 316 -10.04 -5.52 16.47
N ALA A 317 -8.88 -5.04 16.02
CA ALA A 317 -7.91 -5.96 15.43
C ALA A 317 -7.52 -7.04 16.43
N HIS A 318 -7.31 -6.65 17.70
CA HIS A 318 -6.95 -7.65 18.69
C HIS A 318 -8.06 -8.68 18.87
N ASP A 319 -9.32 -8.22 18.90
CA ASP A 319 -10.44 -9.14 19.09
C ASP A 319 -10.51 -10.19 17.99
N VAL A 320 -10.25 -9.81 16.74
CA VAL A 320 -10.27 -10.77 15.65
C VAL A 320 -9.02 -11.64 15.67
N ALA A 321 -7.84 -11.01 15.67
CA ALA A 321 -6.60 -11.76 15.47
C ALA A 321 -6.29 -12.70 16.63
N SER A 322 -6.64 -12.33 17.87
CA SER A 322 -6.35 -13.22 18.99
C SER A 322 -7.18 -14.50 18.91
N LYS A 323 -8.41 -14.43 18.38
CA LYS A 323 -9.19 -15.64 18.16
C LYS A 323 -8.59 -16.51 17.07
N THR A 324 -8.06 -15.89 16.01
CA THR A 324 -7.35 -16.68 15.01
C THR A 324 -6.18 -17.41 15.65
N VAL A 325 -5.47 -16.71 16.55
CA VAL A 325 -4.28 -17.32 17.16
C VAL A 325 -4.69 -18.48 18.06
N GLN A 326 -5.73 -18.28 18.88
CA GLN A 326 -6.21 -19.34 19.76
C GLN A 326 -6.70 -20.54 18.97
N ARG A 327 -7.33 -20.31 17.82
CA ARG A 327 -7.75 -21.42 16.98
C ARG A 327 -6.54 -22.17 16.42
N VAL A 328 -5.57 -21.44 15.87
CA VAL A 328 -4.34 -22.05 15.38
C VAL A 328 -3.64 -22.83 16.50
N TYR A 329 -3.49 -22.21 17.67
CA TYR A 329 -2.84 -22.85 18.81
C TYR A 329 -3.59 -24.11 19.22
N ASP A 330 -4.92 -24.05 19.23
CA ASP A 330 -5.72 -25.21 19.60
C ASP A 330 -5.44 -26.37 18.64
N ARG A 331 -5.41 -26.08 17.33
CA ARG A 331 -5.16 -27.14 16.35
C ARG A 331 -3.76 -27.73 16.46
N LEU A 332 -2.77 -26.90 16.77
CA LEU A 332 -1.40 -27.42 16.93
C LEU A 332 -1.27 -28.35 18.12
N GLY A 333 -2.12 -28.20 19.12
CA GLY A 333 -2.02 -28.97 20.34
C GLY A 333 -1.45 -28.23 21.53
N PHE A 334 -1.25 -26.91 21.43
CA PHE A 334 -0.79 -26.16 22.59
C PHE A 334 -1.80 -26.22 23.73
N LEU A 335 -1.28 -26.23 24.95
CA LEU A 335 -2.15 -26.11 26.12
C LEU A 335 -2.70 -24.68 26.21
N LEU A 336 -4.02 -24.55 26.30
CA LEU A 336 -4.61 -23.21 26.33
C LEU A 336 -4.83 -22.68 27.74
#